data_3DRG
#
_entry.id   3DRG
#
_cell.length_a   42.175
_cell.length_b   58.636
_cell.length_c   61.277
_cell.angle_alpha   100.970
_cell.angle_beta   101.120
_cell.angle_gamma   103.020
#
_symmetry.space_group_name_H-M   'P 1'
#
loop_
_entity.id
_entity.type
_entity.pdbx_description
1 polymer 'Oligopeptide-binding protein oppA'
2 polymer Bradykinin
3 non-polymer 'CHLORIDE ION'
4 water water
#
loop_
_entity_poly.entity_id
_entity_poly.type
_entity_poly.pdbx_seq_one_letter_code
_entity_poly.pdbx_strand_id
1 'polypeptide(L)'
;MGSNQSSSTSTKKLKAGNFDVAYQNPDKAIKGGNLKVAYQSDSPMKAQWLSGLSNDATFATMSGPGGGQDGLFFTDSGFK
FIKGGAADVALDKESKTATITLRKDLKWSDGSEVTAKDYEFTYETIANPAYGSDRWTDSLANIVGLSDYHTGKAKTISGI
TFPDGENGKVIKVQFKEMKPGMTQSGNGYFLETVAPYQYLKDVAPKDLASSPKTTTKPLVTGPFKPENVVAGESIKYVPN
PYYWGEKPKLNSITYEVVSTAKSVAALSSSKYDIINGMVSSQYKQVKNLKGYKVLGQQAMYISLMYYNLGHYDAKNSINV
QDRKTPLQDQNVRQAIGYARNVAEVDNKFSNGLSTPANSLIPPIFKQFTSSSVKGYEKQDLDKANKLLDEDGWKLNKSTG
YREKDGKELSLVYAARVGDANAETIAQNYIQQWKKIGVKVSLYNGKLMEFNSWVDHMTTPPGANDWDITDGSWSLASEPS
QQDLFSAAAPYNFGHFNDSEITKDLNDIDSAKSENPTYRKAAFVKYQEDMNKKAYVIPTNFMLNYTPVNKRVVGMTLDYG
AMNTWSEIGVSSAKLATKGSIEGRHHHHHH
;
A
2 'polypeptide(L)' RPPGFSPFA B
#
loop_
_chem_comp.id
_chem_comp.type
_chem_comp.name
_chem_comp.formula
CL non-polymer 'CHLORIDE ION' 'Cl -1'
#
# COMPACT_ATOMS: atom_id res chain seq x y z
N LYS A 13 17.47 -3.38 -21.99
CA LYS A 13 16.45 -4.44 -22.16
C LYS A 13 15.69 -4.71 -20.85
N LEU A 14 14.37 -4.77 -20.95
CA LEU A 14 13.51 -5.00 -19.77
C LEU A 14 12.82 -6.36 -19.87
N LYS A 15 12.77 -7.08 -18.75
CA LYS A 15 12.18 -8.42 -18.72
C LYS A 15 10.66 -8.41 -18.80
N ALA A 16 10.11 -9.29 -19.63
CA ALA A 16 8.67 -9.41 -19.80
C ALA A 16 8.03 -10.12 -18.61
N GLY A 17 6.71 -9.99 -18.48
CA GLY A 17 5.97 -10.59 -17.37
C GLY A 17 5.79 -12.09 -17.46
N ASN A 18 6.67 -12.70 -18.24
CA ASN A 18 6.79 -14.12 -18.49
C ASN A 18 7.65 -14.81 -17.43
N PHE A 19 7.29 -14.61 -16.17
CA PHE A 19 7.81 -15.40 -15.07
C PHE A 19 6.79 -16.49 -14.75
N ASP A 20 7.24 -17.55 -14.09
CA ASP A 20 6.34 -18.62 -13.69
C ASP A 20 5.57 -18.17 -12.45
N VAL A 21 4.24 -18.17 -12.56
CA VAL A 21 3.38 -17.64 -11.49
C VAL A 21 3.29 -18.57 -10.28
N ALA A 22 3.40 -19.88 -10.53
CA ALA A 22 3.30 -20.89 -9.48
C ALA A 22 4.38 -21.97 -9.61
N TYR A 23 4.88 -22.42 -8.46
CA TYR A 23 5.79 -23.56 -8.41
C TYR A 23 4.99 -24.82 -8.15
N GLN A 24 4.86 -25.65 -9.19
CA GLN A 24 4.10 -26.89 -9.08
C GLN A 24 5.03 -28.05 -8.73
N ASN A 25 5.12 -28.33 -7.44
CA ASN A 25 5.97 -29.39 -6.90
C ASN A 25 5.32 -30.77 -7.14
N PRO A 26 6.05 -31.68 -7.80
CA PRO A 26 5.58 -33.05 -7.96
C PRO A 26 5.55 -33.83 -6.64
N ASP A 27 6.42 -33.44 -5.71
CA ASP A 27 6.52 -34.09 -4.39
C ASP A 27 5.29 -33.84 -3.53
N LYS A 28 4.87 -34.87 -2.82
CA LYS A 28 3.73 -34.78 -1.92
C LYS A 28 4.10 -34.05 -0.63
N ALA A 29 3.15 -33.29 -0.08
CA ALA A 29 3.34 -32.59 1.18
C ALA A 29 3.23 -33.56 2.36
N ILE A 30 3.93 -33.25 3.44
CA ILE A 30 3.92 -34.09 4.64
C ILE A 30 2.92 -33.58 5.68
N LYS A 31 3.11 -34.01 6.93
CA LYS A 31 2.29 -33.59 8.05
C LYS A 31 3.20 -33.46 9.27
N GLY A 32 3.61 -32.25 9.65
CA GLY A 32 3.21 -30.98 9.01
C GLY A 32 4.06 -30.48 7.86
N GLY A 33 5.22 -29.86 8.15
CA GLY A 33 5.69 -29.57 9.50
C GLY A 33 5.94 -28.08 9.73
N ASN A 34 7.20 -27.67 9.66
CA ASN A 34 7.58 -26.30 10.02
C ASN A 34 8.11 -25.46 8.87
N LEU A 35 7.31 -24.47 8.45
CA LEU A 35 7.69 -23.56 7.36
C LEU A 35 8.32 -22.29 7.92
N LYS A 36 9.34 -21.79 7.22
CA LYS A 36 10.06 -20.59 7.64
C LYS A 36 9.99 -19.51 6.57
N VAL A 37 9.25 -18.44 6.87
CA VAL A 37 9.04 -17.34 5.93
C VAL A 37 9.66 -16.04 6.45
N ALA A 38 10.10 -15.18 5.53
CA ALA A 38 10.67 -13.88 5.89
C ALA A 38 10.20 -12.76 4.97
N TYR A 39 10.17 -11.55 5.49
CA TYR A 39 9.90 -10.36 4.70
C TYR A 39 11.10 -9.42 4.75
N GLN A 40 11.54 -8.95 3.59
CA GLN A 40 12.71 -8.07 3.51
C GLN A 40 12.39 -6.66 4.03
N SER A 41 12.82 -6.40 5.26
CA SER A 41 12.61 -5.12 5.90
C SER A 41 13.84 -4.72 6.70
N ASP A 42 14.41 -3.57 6.36
CA ASP A 42 15.55 -3.02 7.09
C ASP A 42 15.11 -2.34 8.38
N SER A 43 13.79 -2.21 8.55
CA SER A 43 13.20 -1.65 9.75
C SER A 43 12.57 -2.76 10.60
N PRO A 44 12.54 -2.57 11.93
CA PRO A 44 11.87 -3.56 12.79
C PRO A 44 10.39 -3.73 12.46
N MET A 45 9.86 -4.93 12.74
CA MET A 45 8.46 -5.25 12.52
C MET A 45 7.54 -4.33 13.34
N LYS A 46 6.43 -3.90 12.73
CA LYS A 46 5.42 -3.11 13.42
C LYS A 46 4.14 -3.92 13.61
N ALA A 47 4.07 -4.65 14.72
CA ALA A 47 2.94 -5.54 14.99
C ALA A 47 1.65 -4.78 15.29
N GLN A 48 0.72 -4.82 14.33
CA GLN A 48 -0.61 -4.25 14.49
C GLN A 48 -1.64 -5.09 13.74
N TRP A 49 -2.49 -5.78 14.51
CA TRP A 49 -3.41 -6.76 13.96
C TRP A 49 -4.76 -6.18 13.53
N LEU A 50 -4.98 -4.91 13.86
CA LEU A 50 -6.16 -4.19 13.40
C LEU A 50 -5.82 -3.43 12.13
N SER A 51 -6.56 -3.74 11.05
CA SER A 51 -6.32 -3.17 9.72
C SER A 51 -6.40 -1.65 9.68
N GLY A 52 -7.30 -1.07 10.49
CA GLY A 52 -7.52 0.36 10.51
C GLY A 52 -6.37 1.18 11.09
N LEU A 53 -5.61 0.55 11.98
CA LEU A 53 -4.53 1.24 12.69
C LEU A 53 -3.14 0.96 12.09
N SER A 54 -3.07 0.00 11.17
CA SER A 54 -1.82 -0.34 10.50
C SER A 54 -1.69 0.36 9.14
N ASN A 55 -0.54 1.00 8.92
CA ASN A 55 -0.29 1.77 7.71
C ASN A 55 0.69 1.13 6.72
N ASP A 56 1.51 0.22 7.22
CA ASP A 56 2.56 -0.41 6.40
C ASP A 56 2.13 -1.72 5.76
N ALA A 57 2.66 -1.99 4.57
CA ALA A 57 2.42 -3.24 3.84
C ALA A 57 3.24 -4.39 4.41
N THR A 58 4.34 -4.04 5.09
CA THR A 58 5.25 -5.01 5.68
C THR A 58 4.52 -5.98 6.63
N PHE A 59 3.79 -5.43 7.60
CA PHE A 59 3.08 -6.28 8.56
C PHE A 59 1.79 -6.87 8.00
N ALA A 60 1.16 -6.17 7.06
CA ALA A 60 -0.04 -6.65 6.40
C ALA A 60 0.22 -7.97 5.66
N THR A 61 1.42 -8.09 5.10
CA THR A 61 1.86 -9.32 4.43
C THR A 61 2.22 -10.39 5.48
N MET A 62 2.80 -9.96 6.60
CA MET A 62 3.21 -10.87 7.67
C MET A 62 2.03 -11.44 8.46
N SER A 63 0.89 -10.75 8.39
CA SER A 63 -0.33 -11.16 9.10
C SER A 63 -1.17 -12.14 8.27
N GLY A 64 -0.65 -12.51 7.10
CA GLY A 64 -1.32 -13.43 6.16
C GLY A 64 -1.88 -14.73 6.74
N PRO A 65 -1.01 -15.57 7.35
CA PRO A 65 -1.45 -16.83 7.97
C PRO A 65 -2.51 -16.64 9.06
N GLY A 66 -2.51 -15.47 9.70
CA GLY A 66 -3.50 -15.12 10.71
C GLY A 66 -4.80 -14.57 10.16
N GLY A 67 -4.88 -14.41 8.84
CA GLY A 67 -6.11 -13.93 8.19
C GLY A 67 -5.94 -12.66 7.38
N GLY A 68 -4.72 -12.13 7.34
CA GLY A 68 -4.44 -10.87 6.65
C GLY A 68 -5.12 -9.71 7.34
N GLN A 69 -4.86 -9.60 8.64
CA GLN A 69 -5.54 -8.65 9.53
C GLN A 69 -7.06 -8.88 9.52
N ASP A 70 -7.42 -10.16 9.47
CA ASP A 70 -8.81 -10.66 9.50
C ASP A 70 -9.73 -10.32 8.32
N GLY A 71 -9.19 -10.47 7.11
CA GLY A 71 -9.96 -10.32 5.88
C GLY A 71 -11.22 -11.17 5.84
N LEU A 72 -12.26 -10.67 5.18
CA LEU A 72 -13.55 -11.34 5.18
C LEU A 72 -13.91 -12.04 3.88
N PHE A 73 -13.71 -11.33 2.76
CA PHE A 73 -14.26 -11.77 1.48
C PHE A 73 -13.27 -12.53 0.60
N PHE A 74 -13.79 -13.47 -0.17
CA PHE A 74 -12.99 -14.21 -1.14
C PHE A 74 -12.97 -13.49 -2.49
N THR A 75 -12.02 -13.87 -3.33
CA THR A 75 -11.66 -13.08 -4.50
C THR A 75 -11.18 -13.96 -5.67
N ASP A 76 -11.55 -13.59 -6.90
CA ASP A 76 -10.98 -14.21 -8.10
C ASP A 76 -9.70 -13.48 -8.50
N SER A 77 -8.94 -14.03 -9.46
CA SER A 77 -7.65 -13.45 -9.84
C SER A 77 -7.70 -11.98 -10.27
N GLY A 78 -8.90 -11.49 -10.55
CA GLY A 78 -9.12 -10.07 -10.88
C GLY A 78 -9.61 -9.25 -9.70
N PHE A 79 -9.36 -9.73 -8.49
CA PHE A 79 -9.72 -9.06 -7.23
C PHE A 79 -11.22 -8.83 -7.00
N LYS A 80 -12.05 -9.42 -7.85
CA LYS A 80 -13.49 -9.28 -7.73
C LYS A 80 -14.06 -10.24 -6.69
N PHE A 81 -15.06 -9.77 -5.95
CA PHE A 81 -15.66 -10.54 -4.87
C PHE A 81 -16.35 -11.81 -5.38
N ILE A 82 -16.11 -12.91 -4.67
CA ILE A 82 -16.85 -14.15 -4.87
C ILE A 82 -17.36 -14.68 -3.53
N LYS A 83 -18.28 -15.64 -3.57
CA LYS A 83 -18.85 -16.23 -2.36
C LYS A 83 -17.97 -17.35 -1.84
N GLY A 84 -18.13 -17.68 -0.55
CA GLY A 84 -17.46 -18.85 0.03
C GLY A 84 -16.45 -18.56 1.13
N GLY A 85 -16.07 -17.30 1.29
CA GLY A 85 -15.10 -16.91 2.31
C GLY A 85 -15.70 -16.73 3.68
N ALA A 86 -14.92 -16.13 4.58
CA ALA A 86 -15.34 -15.84 5.95
C ALA A 86 -16.65 -15.05 6.00
N ALA A 87 -16.86 -14.22 4.97
CA ALA A 87 -18.11 -13.47 4.81
C ALA A 87 -18.43 -13.32 3.32
N ASP A 88 -19.69 -12.99 3.03
CA ASP A 88 -20.13 -12.72 1.66
C ASP A 88 -20.73 -11.31 1.56
N VAL A 89 -20.57 -10.69 0.40
CA VAL A 89 -21.12 -9.35 0.16
C VAL A 89 -22.05 -9.33 -1.07
N ALA A 90 -23.14 -8.58 -0.96
CA ALA A 90 -24.09 -8.43 -2.06
C ALA A 90 -24.49 -6.97 -2.21
N LEU A 91 -24.58 -6.50 -3.45
CA LEU A 91 -24.90 -5.11 -3.74
C LEU A 91 -26.30 -4.94 -4.30
N ASP A 92 -26.91 -3.80 -4.00
CA ASP A 92 -28.20 -3.44 -4.55
C ASP A 92 -28.14 -2.02 -5.11
N LYS A 93 -28.20 -1.93 -6.44
CA LYS A 93 -27.99 -0.68 -7.16
C LYS A 93 -28.98 0.42 -6.81
N GLU A 94 -30.28 0.06 -6.79
CA GLU A 94 -31.34 1.07 -6.62
C GLU A 94 -31.51 1.59 -5.19
N SER A 95 -31.19 0.76 -4.21
CA SER A 95 -31.25 1.19 -2.81
C SER A 95 -29.93 1.82 -2.34
N LYS A 96 -28.87 1.56 -3.11
CA LYS A 96 -27.50 2.04 -2.81
C LYS A 96 -26.95 1.46 -1.51
N THR A 97 -27.04 0.13 -1.38
CA THR A 97 -26.69 -0.56 -0.15
C THR A 97 -25.81 -1.78 -0.35
N ALA A 98 -24.99 -2.08 0.65
CA ALA A 98 -24.21 -3.32 0.69
C ALA A 98 -24.64 -4.16 1.88
N THR A 99 -24.84 -5.45 1.64
CA THR A 99 -25.20 -6.39 2.70
C THR A 99 -24.09 -7.41 2.90
N ILE A 100 -23.53 -7.42 4.10
CA ILE A 100 -22.44 -8.32 4.46
C ILE A 100 -22.96 -9.41 5.39
N THR A 101 -22.75 -10.66 5.00
CA THR A 101 -23.18 -11.80 5.79
C THR A 101 -21.96 -12.61 6.22
N LEU A 102 -21.74 -12.66 7.53
CA LEU A 102 -20.68 -13.47 8.11
C LEU A 102 -21.15 -14.92 8.18
N ARG A 103 -20.20 -15.86 8.09
CA ARG A 103 -20.50 -17.28 8.26
C ARG A 103 -21.02 -17.57 9.67
N LYS A 104 -21.95 -18.51 9.78
CA LYS A 104 -22.56 -18.86 11.06
C LYS A 104 -21.56 -19.40 12.07
N ASP A 105 -20.51 -20.07 11.59
CA ASP A 105 -19.48 -20.65 12.45
C ASP A 105 -18.14 -19.89 12.38
N LEU A 106 -18.21 -18.60 12.03
CA LEU A 106 -17.03 -17.74 12.03
C LEU A 106 -16.67 -17.37 13.47
N LYS A 107 -15.47 -17.74 13.89
CA LYS A 107 -15.03 -17.56 15.28
C LYS A 107 -13.67 -16.90 15.41
N TRP A 108 -13.44 -16.28 16.57
CA TRP A 108 -12.12 -15.76 16.93
C TRP A 108 -11.24 -16.90 17.42
N SER A 109 -9.96 -16.60 17.65
CA SER A 109 -8.99 -17.62 18.07
C SER A 109 -9.16 -18.08 19.53
N ASP A 110 -10.10 -17.46 20.25
CA ASP A 110 -10.40 -17.85 21.63
C ASP A 110 -11.71 -18.62 21.76
N GLY A 111 -12.39 -18.84 20.63
CA GLY A 111 -13.62 -19.62 20.61
C GLY A 111 -14.89 -18.79 20.55
N SER A 112 -14.79 -17.52 20.92
CA SER A 112 -15.92 -16.60 20.91
C SER A 112 -16.42 -16.34 19.48
N GLU A 113 -17.68 -15.90 19.38
CA GLU A 113 -18.34 -15.72 18.09
C GLU A 113 -17.98 -14.39 17.45
N VAL A 114 -17.81 -14.40 16.12
CA VAL A 114 -17.68 -13.17 15.35
C VAL A 114 -19.07 -12.67 14.98
N THR A 115 -19.41 -11.48 15.44
CA THR A 115 -20.75 -10.93 15.28
C THR A 115 -20.78 -9.67 14.41
N ALA A 116 -21.98 -9.16 14.16
CA ALA A 116 -22.18 -7.95 13.36
C ALA A 116 -21.51 -6.72 13.95
N LYS A 117 -21.45 -6.66 15.28
CA LYS A 117 -20.79 -5.57 16.01
C LYS A 117 -19.29 -5.51 15.72
N ASP A 118 -18.69 -6.69 15.53
CA ASP A 118 -17.27 -6.80 15.21
C ASP A 118 -16.89 -6.11 13.90
N TYR A 119 -17.77 -6.20 12.91
CA TYR A 119 -17.58 -5.55 11.62
C TYR A 119 -17.76 -4.04 11.70
N GLU A 120 -18.76 -3.61 12.46
CA GLU A 120 -19.04 -2.19 12.68
C GLU A 120 -17.91 -1.53 13.47
N PHE A 121 -17.34 -2.27 14.42
CA PHE A 121 -16.25 -1.76 15.25
C PHE A 121 -15.03 -1.37 14.43
N THR A 122 -14.82 -2.06 13.31
CA THR A 122 -13.77 -1.73 12.35
C THR A 122 -13.96 -0.31 11.80
N TYR A 123 -15.21 0.05 11.50
CA TYR A 123 -15.52 1.38 11.01
C TYR A 123 -15.25 2.44 12.07
N GLU A 124 -15.46 2.08 13.33
CA GLU A 124 -15.19 2.98 14.44
C GLU A 124 -13.68 3.20 14.66
N THR A 125 -12.88 2.16 14.40
CA THR A 125 -11.41 2.25 14.57
C THR A 125 -10.76 3.22 13.58
N ILE A 126 -11.47 3.56 12.50
CA ILE A 126 -10.99 4.52 11.51
C ILE A 126 -11.72 5.86 11.60
N ALA A 127 -13.05 5.81 11.75
CA ALA A 127 -13.89 7.01 11.78
C ALA A 127 -13.73 7.82 13.07
N ASN A 128 -13.73 7.14 14.22
CA ASN A 128 -13.57 7.79 15.52
C ASN A 128 -12.11 8.24 15.71
N PRO A 129 -11.87 9.56 15.70
CA PRO A 129 -10.49 10.09 15.72
C PRO A 129 -9.70 9.77 16.99
N ALA A 130 -10.41 9.30 18.03
CA ALA A 130 -9.78 8.96 19.31
C ALA A 130 -8.88 7.72 19.26
N TYR A 131 -9.04 6.91 18.20
CA TYR A 131 -8.16 5.75 17.98
C TYR A 131 -6.87 6.15 17.26
N GLY A 132 -6.89 7.31 16.59
CA GLY A 132 -5.71 7.84 15.92
C GLY A 132 -5.35 7.14 14.62
N SER A 133 -6.37 6.77 13.84
CA SER A 133 -6.15 6.15 12.54
C SER A 133 -5.80 7.19 11.49
N ASP A 134 -4.95 6.79 10.55
CA ASP A 134 -4.54 7.66 9.45
C ASP A 134 -5.30 7.31 8.16
N ARG A 135 -6.29 6.44 8.28
CA ARG A 135 -6.98 5.87 7.12
C ARG A 135 -8.32 6.50 6.76
N TRP A 136 -8.59 7.71 7.26
CA TRP A 136 -9.83 8.40 6.87
C TRP A 136 -9.72 8.89 5.43
N THR A 137 -10.82 8.77 4.69
CA THR A 137 -10.83 9.09 3.27
C THR A 137 -12.20 9.61 2.82
N ASP A 138 -12.22 10.33 1.70
CA ASP A 138 -13.47 10.80 1.09
C ASP A 138 -14.37 9.63 0.68
N SER A 139 -13.75 8.48 0.42
CA SER A 139 -14.47 7.26 0.07
C SER A 139 -15.40 6.81 1.21
N LEU A 140 -14.88 6.85 2.44
CA LEU A 140 -15.67 6.52 3.63
C LEU A 140 -16.78 7.53 3.91
N ALA A 141 -16.57 8.78 3.50
CA ALA A 141 -17.57 9.83 3.66
C ALA A 141 -18.85 9.58 2.85
N ASN A 142 -18.76 8.67 1.89
CA ASN A 142 -19.90 8.27 1.05
C ASN A 142 -20.93 7.40 1.79
N ILE A 143 -20.52 6.83 2.93
CA ILE A 143 -21.44 6.09 3.80
C ILE A 143 -22.28 7.07 4.64
N VAL A 144 -23.60 6.90 4.60
CA VAL A 144 -24.53 7.80 5.28
C VAL A 144 -24.28 7.86 6.78
N GLY A 145 -24.07 9.09 7.27
CA GLY A 145 -23.90 9.34 8.70
C GLY A 145 -22.52 9.08 9.27
N LEU A 146 -21.59 8.64 8.42
CA LEU A 146 -20.22 8.36 8.84
C LEU A 146 -19.42 9.64 9.04
N SER A 147 -19.61 10.61 8.14
CA SER A 147 -19.00 11.93 8.28
C SER A 147 -19.41 12.61 9.57
N ASP A 148 -20.71 12.52 9.89
CA ASP A 148 -21.25 13.09 11.13
C ASP A 148 -20.68 12.41 12.38
N TYR A 149 -20.49 11.09 12.30
CA TYR A 149 -19.85 10.33 13.38
C TYR A 149 -18.36 10.70 13.50
N HIS A 150 -17.71 10.87 12.35
CA HIS A 150 -16.29 11.21 12.28
C HIS A 150 -15.99 12.57 12.92
N THR A 151 -16.88 13.54 12.71
CA THR A 151 -16.72 14.88 13.26
C THR A 151 -17.23 14.99 14.70
N GLY A 152 -17.98 13.97 15.13
CA GLY A 152 -18.52 13.93 16.49
C GLY A 152 -19.92 14.51 16.63
N LYS A 153 -20.53 14.85 15.51
CA LYS A 153 -21.89 15.39 15.45
C LYS A 153 -22.95 14.33 15.80
N ALA A 154 -22.56 13.06 15.74
CA ALA A 154 -23.46 11.95 16.07
C ALA A 154 -22.80 10.96 17.03
N LYS A 155 -23.63 10.19 17.73
CA LYS A 155 -23.13 9.20 18.70
C LYS A 155 -22.85 7.84 18.04
N THR A 156 -23.56 7.54 16.96
CA THR A 156 -23.39 6.30 16.22
C THR A 156 -23.33 6.57 14.71
N ILE A 157 -23.10 5.50 13.93
CA ILE A 157 -23.12 5.58 12.48
C ILE A 157 -24.49 5.15 11.96
N SER A 158 -25.26 6.11 11.45
CA SER A 158 -26.64 5.87 11.03
C SER A 158 -26.76 4.98 9.79
N GLY A 159 -25.77 5.05 8.90
CA GLY A 159 -25.75 4.26 7.68
C GLY A 159 -25.44 2.78 7.89
N ILE A 160 -24.98 2.43 9.08
CA ILE A 160 -24.71 1.04 9.43
C ILE A 160 -25.77 0.53 10.39
N THR A 161 -26.49 -0.50 9.95
CA THR A 161 -27.60 -1.09 10.71
C THR A 161 -27.47 -2.60 10.80
N PHE A 162 -28.17 -3.20 11.77
CA PHE A 162 -28.11 -4.64 12.00
C PHE A 162 -29.49 -5.29 11.93
N PRO A 163 -29.78 -6.00 10.82
CA PRO A 163 -31.06 -6.69 10.64
C PRO A 163 -31.36 -7.74 11.72
N ASP A 164 -30.32 -8.43 12.18
CA ASP A 164 -30.48 -9.45 13.23
C ASP A 164 -29.84 -9.02 14.56
N GLY A 165 -29.64 -7.72 14.73
CA GLY A 165 -29.05 -7.17 15.96
C GLY A 165 -27.53 -7.29 16.00
N GLU A 166 -26.93 -6.78 17.07
CA GLU A 166 -25.48 -6.79 17.26
C GLU A 166 -24.89 -8.19 17.40
N ASN A 167 -25.69 -9.13 17.93
CA ASN A 167 -25.31 -10.53 18.03
C ASN A 167 -25.40 -11.27 16.70
N GLY A 168 -26.20 -10.73 15.78
CA GLY A 168 -26.45 -11.36 14.48
C GLY A 168 -25.24 -11.44 13.57
N LYS A 169 -25.46 -12.01 12.39
CA LYS A 169 -24.38 -12.21 11.42
C LYS A 169 -24.53 -11.34 10.17
N VAL A 170 -25.45 -10.37 10.22
CA VAL A 170 -25.78 -9.56 9.05
C VAL A 170 -25.58 -8.06 9.32
N ILE A 171 -24.91 -7.38 8.38
CA ILE A 171 -24.67 -5.94 8.46
C ILE A 171 -25.07 -5.25 7.16
N LYS A 172 -25.73 -4.10 7.28
CA LYS A 172 -26.18 -3.32 6.13
C LYS A 172 -25.46 -1.98 6.09
N VAL A 173 -24.85 -1.66 4.95
CA VAL A 173 -24.12 -0.40 4.78
C VAL A 173 -24.79 0.50 3.74
N GLN A 174 -25.27 1.65 4.20
CA GLN A 174 -25.99 2.59 3.36
C GLN A 174 -25.04 3.61 2.70
N PHE A 175 -25.15 3.75 1.38
CA PHE A 175 -24.32 4.68 0.62
C PHE A 175 -25.11 5.88 0.11
N LYS A 176 -24.39 6.98 -0.15
CA LYS A 176 -24.98 8.18 -0.75
C LYS A 176 -25.05 8.01 -2.27
N GLU A 177 -23.94 7.54 -2.85
CA GLU A 177 -23.86 7.25 -4.28
C GLU A 177 -23.18 5.90 -4.50
N MET A 178 -23.69 5.11 -5.44
CA MET A 178 -23.06 3.83 -5.78
C MET A 178 -21.78 4.04 -6.59
N LYS A 179 -20.79 3.20 -6.31
CA LYS A 179 -19.49 3.30 -6.96
C LYS A 179 -19.18 2.03 -7.78
N PRO A 180 -18.52 2.19 -8.94
CA PRO A 180 -18.20 1.06 -9.82
C PRO A 180 -17.35 -0.03 -9.14
N GLY A 181 -16.28 0.37 -8.46
CA GLY A 181 -15.33 -0.56 -7.87
C GLY A 181 -15.85 -1.45 -6.75
N MET A 182 -17.13 -1.27 -6.40
CA MET A 182 -17.75 -1.98 -5.28
C MET A 182 -17.85 -3.50 -5.45
N THR A 183 -17.72 -3.98 -6.69
CA THR A 183 -17.70 -5.42 -6.98
C THR A 183 -16.29 -5.99 -6.80
N GLN A 184 -15.32 -5.11 -6.58
CA GLN A 184 -13.92 -5.47 -6.50
C GLN A 184 -13.32 -5.14 -5.13
N SER A 185 -12.45 -6.03 -4.64
CA SER A 185 -11.74 -5.83 -3.38
C SER A 185 -10.77 -4.65 -3.46
N GLY A 186 -10.63 -3.91 -2.36
CA GLY A 186 -9.76 -2.75 -2.31
C GLY A 186 -10.39 -1.47 -2.82
N ASN A 187 -11.72 -1.49 -3.00
CA ASN A 187 -12.44 -0.30 -3.46
C ASN A 187 -12.39 0.87 -2.48
N GLY A 188 -12.39 0.55 -1.19
CA GLY A 188 -12.25 1.54 -0.12
C GLY A 188 -13.53 2.24 0.28
N TYR A 189 -14.60 2.03 -0.50
CA TYR A 189 -15.90 2.64 -0.19
C TYR A 189 -16.64 1.92 0.93
N PHE A 190 -16.32 0.63 1.11
CA PHE A 190 -16.70 -0.11 2.31
C PHE A 190 -15.55 -1.02 2.75
N LEU A 191 -15.45 -1.26 4.05
CA LEU A 191 -14.32 -2.01 4.62
C LEU A 191 -14.51 -3.52 4.54
N GLU A 192 -13.42 -4.26 4.67
CA GLU A 192 -13.44 -5.72 4.49
C GLU A 192 -12.86 -6.51 5.68
N THR A 193 -12.74 -5.87 6.84
CA THR A 193 -12.19 -6.54 8.03
C THR A 193 -13.09 -6.45 9.26
N VAL A 194 -12.81 -7.32 10.24
CA VAL A 194 -13.50 -7.33 11.54
C VAL A 194 -12.50 -7.15 12.68
N ALA A 195 -12.99 -6.60 13.79
CA ALA A 195 -12.19 -6.40 14.99
C ALA A 195 -12.92 -6.98 16.20
N PRO A 196 -12.19 -7.60 17.14
CA PRO A 196 -12.85 -8.24 18.29
C PRO A 196 -13.29 -7.24 19.34
N TYR A 197 -14.57 -6.86 19.31
CA TYR A 197 -15.09 -5.86 20.25
C TYR A 197 -14.99 -6.31 21.70
N GLN A 198 -15.62 -7.44 22.02
CA GLN A 198 -15.65 -7.97 23.40
C GLN A 198 -14.27 -8.00 24.05
N TYR A 199 -13.26 -8.32 23.26
CA TYR A 199 -11.88 -8.43 23.73
C TYR A 199 -11.21 -7.06 23.87
N LEU A 200 -11.68 -6.08 23.10
CA LEU A 200 -11.04 -4.75 23.05
C LEU A 200 -11.89 -3.60 23.62
N LYS A 201 -13.11 -3.90 24.05
CA LYS A 201 -14.06 -2.88 24.50
C LYS A 201 -13.63 -2.14 25.76
N ASP A 202 -12.91 -2.81 26.65
CA ASP A 202 -12.47 -2.22 27.91
C ASP A 202 -11.13 -1.46 27.80
N VAL A 203 -10.60 -1.38 26.59
CA VAL A 203 -9.38 -0.63 26.30
C VAL A 203 -9.74 0.76 25.76
N ALA A 204 -9.22 1.79 26.42
CA ALA A 204 -9.45 3.18 26.00
C ALA A 204 -8.99 3.38 24.56
N PRO A 205 -9.80 4.08 23.75
CA PRO A 205 -9.53 4.26 22.32
C PRO A 205 -8.09 4.70 22.00
N LYS A 206 -7.59 5.68 22.74
CA LYS A 206 -6.24 6.21 22.52
C LYS A 206 -5.12 5.24 22.93
N ASP A 207 -5.49 4.17 23.61
CA ASP A 207 -4.53 3.16 24.07
C ASP A 207 -4.54 1.89 23.22
N LEU A 208 -5.43 1.83 22.23
CA LEU A 208 -5.69 0.60 21.49
C LEU A 208 -4.55 0.18 20.57
N ALA A 209 -3.88 1.16 19.97
CA ALA A 209 -2.76 0.91 19.05
C ALA A 209 -1.55 0.30 19.76
N SER A 210 -1.32 0.70 21.01
CA SER A 210 -0.17 0.25 21.79
C SER A 210 -0.51 -0.87 22.78
N SER A 211 -1.78 -1.26 22.83
CA SER A 211 -2.24 -2.35 23.69
C SER A 211 -1.63 -3.68 23.27
N PRO A 212 -1.29 -4.56 24.25
CA PRO A 212 -0.81 -5.90 23.92
C PRO A 212 -1.88 -6.73 23.24
N LYS A 213 -3.14 -6.33 23.40
CA LYS A 213 -4.29 -7.03 22.83
C LYS A 213 -4.46 -6.81 21.32
N THR A 214 -3.67 -5.87 20.75
CA THR A 214 -3.67 -5.61 19.31
C THR A 214 -2.26 -5.75 18.70
N THR A 215 -1.28 -6.11 19.52
CA THR A 215 0.12 -6.16 19.09
C THR A 215 0.66 -7.56 19.32
N THR A 216 1.04 -7.87 20.56
CA THR A 216 1.71 -9.12 20.90
C THR A 216 0.82 -10.32 21.23
N LYS A 217 -0.38 -10.04 21.75
CA LYS A 217 -1.34 -11.08 22.11
C LYS A 217 -2.75 -10.74 21.62
N PRO A 218 -3.01 -10.91 20.30
CA PRO A 218 -4.31 -10.56 19.73
C PRO A 218 -5.22 -11.76 19.52
N LEU A 219 -6.40 -11.52 18.93
CA LEU A 219 -7.30 -12.57 18.48
C LEU A 219 -7.49 -12.47 16.96
N VAL A 220 -7.43 -13.62 16.29
CA VAL A 220 -7.51 -13.67 14.83
C VAL A 220 -8.63 -14.59 14.33
N THR A 221 -8.89 -14.56 13.03
CA THR A 221 -9.93 -15.38 12.40
C THR A 221 -9.36 -16.37 11.39
N GLY A 222 -8.08 -16.20 11.03
CA GLY A 222 -7.45 -17.01 9.99
C GLY A 222 -7.08 -18.43 10.40
N PRO A 223 -6.52 -19.22 9.45
CA PRO A 223 -6.13 -20.61 9.67
C PRO A 223 -5.05 -20.79 10.76
N PHE A 224 -4.17 -19.81 10.87
CA PHE A 224 -3.13 -19.83 11.91
C PHE A 224 -3.35 -18.71 12.93
N LYS A 225 -2.80 -18.91 14.13
CA LYS A 225 -2.86 -17.90 15.19
C LYS A 225 -1.46 -17.63 15.75
N PRO A 226 -1.20 -16.38 16.19
CA PRO A 226 0.09 -16.06 16.79
C PRO A 226 0.26 -16.62 18.21
N GLU A 227 0.99 -17.73 18.32
CA GLU A 227 1.30 -18.35 19.62
C GLU A 227 2.28 -17.49 20.40
N ASN A 228 3.19 -16.85 19.67
CA ASN A 228 4.15 -15.92 20.24
C ASN A 228 4.51 -14.83 19.23
N VAL A 229 4.53 -13.59 19.71
CA VAL A 229 5.00 -12.47 18.90
C VAL A 229 6.20 -11.83 19.59
N VAL A 230 7.35 -11.89 18.94
CA VAL A 230 8.55 -11.22 19.44
C VAL A 230 8.59 -9.81 18.87
N ALA A 231 8.19 -8.84 19.70
CA ALA A 231 8.04 -7.44 19.30
C ALA A 231 9.17 -6.95 18.39
N GLY A 232 8.80 -6.52 17.19
CA GLY A 232 9.74 -5.95 16.21
C GLY A 232 10.63 -6.95 15.49
N GLU A 233 10.27 -8.23 15.54
CA GLU A 233 11.15 -9.28 15.04
C GLU A 233 10.32 -10.32 14.26
N SER A 234 9.60 -11.17 14.99
CA SER A 234 8.99 -12.38 14.41
C SER A 234 7.61 -12.74 14.94
N ILE A 235 6.95 -13.65 14.23
CA ILE A 235 5.65 -14.23 14.64
C ILE A 235 5.76 -15.76 14.64
N LYS A 236 5.20 -16.40 15.65
CA LYS A 236 5.15 -17.86 15.74
C LYS A 236 3.71 -18.35 15.53
N TYR A 237 3.41 -18.80 14.31
CA TYR A 237 2.07 -19.28 13.97
C TYR A 237 1.89 -20.76 14.29
N VAL A 238 0.74 -21.07 14.87
CA VAL A 238 0.27 -22.45 15.05
C VAL A 238 -1.16 -22.55 14.54
N PRO A 239 -1.64 -23.77 14.18
CA PRO A 239 -3.00 -23.90 13.66
C PRO A 239 -4.07 -23.38 14.62
N ASN A 240 -5.07 -22.70 14.06
CA ASN A 240 -6.20 -22.18 14.81
C ASN A 240 -7.34 -23.20 14.83
N PRO A 241 -7.64 -23.75 16.03
CA PRO A 241 -8.69 -24.76 16.19
C PRO A 241 -10.11 -24.26 15.89
N TYR A 242 -10.32 -22.95 15.92
CA TYR A 242 -11.64 -22.36 15.67
C TYR A 242 -11.82 -21.83 14.25
N TYR A 243 -10.88 -22.17 13.36
CA TYR A 243 -10.94 -21.77 11.96
C TYR A 243 -12.11 -22.46 11.24
N TRP A 244 -12.91 -21.67 10.55
CA TRP A 244 -14.12 -22.15 9.88
C TRP A 244 -13.83 -23.10 8.71
N GLY A 245 -12.69 -22.89 8.05
CA GLY A 245 -12.35 -23.63 6.82
C GLY A 245 -11.44 -24.83 7.03
N GLU A 246 -10.77 -25.22 5.95
CA GLU A 246 -9.90 -26.40 5.91
C GLU A 246 -8.80 -26.36 6.95
N LYS A 247 -8.51 -27.53 7.53
CA LYS A 247 -7.40 -27.67 8.47
C LYS A 247 -6.08 -27.52 7.71
N PRO A 248 -5.18 -26.65 8.20
CA PRO A 248 -3.86 -26.46 7.59
C PRO A 248 -2.99 -27.72 7.65
N LYS A 249 -2.08 -27.86 6.68
CA LYS A 249 -1.19 -29.01 6.62
C LYS A 249 -0.03 -28.91 7.61
N LEU A 250 0.53 -27.71 7.74
CA LEU A 250 1.75 -27.48 8.51
C LEU A 250 1.55 -27.46 10.02
N ASN A 251 2.60 -27.85 10.76
CA ASN A 251 2.62 -27.75 12.22
C ASN A 251 2.79 -26.30 12.70
N SER A 252 3.72 -25.59 12.08
CA SER A 252 4.00 -24.20 12.45
C SER A 252 4.49 -23.35 11.28
N ILE A 253 4.26 -22.05 11.39
CA ILE A 253 4.83 -21.06 10.47
C ILE A 253 5.57 -20.00 11.30
N THR A 254 6.83 -19.77 10.96
CA THR A 254 7.59 -18.67 11.55
C THR A 254 7.78 -17.57 10.51
N TYR A 255 7.26 -16.39 10.81
CA TYR A 255 7.37 -15.24 9.92
C TYR A 255 8.28 -14.18 10.55
N GLU A 256 9.41 -13.92 9.92
CA GLU A 256 10.41 -13.01 10.46
C GLU A 256 10.74 -11.87 9.50
N VAL A 257 11.24 -10.77 10.05
CA VAL A 257 11.82 -9.71 9.22
C VAL A 257 13.29 -10.02 8.97
N VAL A 258 13.76 -9.71 7.77
CA VAL A 258 15.15 -9.96 7.39
C VAL A 258 15.73 -8.72 6.67
N SER A 259 16.91 -8.31 7.11
CA SER A 259 17.58 -7.15 6.52
C SER A 259 18.03 -7.43 5.09
N THR A 260 18.12 -6.36 4.29
CA THR A 260 18.53 -6.46 2.88
C THR A 260 19.90 -7.10 2.74
N ALA A 261 20.83 -6.73 3.62
CA ALA A 261 22.21 -7.24 3.61
C ALA A 261 22.30 -8.75 3.88
N LYS A 262 21.38 -9.27 4.68
CA LYS A 262 21.43 -10.67 5.13
C LYS A 262 20.51 -11.62 4.35
N SER A 263 19.76 -11.08 3.39
CA SER A 263 18.74 -11.85 2.65
C SER A 263 19.30 -12.99 1.79
N VAL A 264 20.32 -12.68 0.98
CA VAL A 264 20.91 -13.66 0.06
C VAL A 264 21.65 -14.76 0.83
N ALA A 265 22.37 -14.37 1.88
CA ALA A 265 23.05 -15.33 2.75
C ALA A 265 22.06 -16.23 3.49
N ALA A 266 20.88 -15.69 3.80
CA ALA A 266 19.82 -16.44 4.45
C ALA A 266 19.20 -17.48 3.51
N LEU A 267 19.27 -17.21 2.20
CA LEU A 267 18.79 -18.14 1.18
C LEU A 267 19.79 -19.27 0.97
N SER A 268 21.07 -18.93 0.89
CA SER A 268 22.16 -19.90 0.69
C SER A 268 22.24 -20.91 1.83
N SER A 269 21.94 -20.46 3.04
CA SER A 269 22.00 -21.31 4.24
C SER A 269 20.68 -22.04 4.51
N SER A 270 19.69 -21.83 3.64
CA SER A 270 18.34 -22.43 3.77
C SER A 270 17.59 -22.04 5.05
N LYS A 271 17.95 -20.90 5.63
CA LYS A 271 17.30 -20.38 6.85
C LYS A 271 15.83 -20.06 6.61
N TYR A 272 15.52 -19.56 5.42
CA TYR A 272 14.15 -19.27 5.02
C TYR A 272 13.77 -20.03 3.76
N ASP A 273 12.54 -20.53 3.72
CA ASP A 273 12.02 -21.19 2.54
C ASP A 273 11.51 -20.17 1.53
N ILE A 274 10.99 -19.04 2.03
CA ILE A 274 10.43 -17.98 1.21
C ILE A 274 10.84 -16.62 1.74
N ILE A 275 11.25 -15.72 0.84
CA ILE A 275 11.44 -14.31 1.18
C ILE A 275 10.60 -13.44 0.23
N ASN A 276 9.75 -12.60 0.81
CA ASN A 276 8.86 -11.73 0.04
C ASN A 276 9.36 -10.29 -0.04
N GLY A 277 9.07 -9.65 -1.17
CA GLY A 277 9.37 -8.23 -1.37
C GLY A 277 10.85 -7.91 -1.45
N MET A 278 11.62 -8.76 -2.13
CA MET A 278 13.05 -8.53 -2.32
C MET A 278 13.29 -7.46 -3.39
N VAL A 279 14.32 -6.64 -3.16
CA VAL A 279 14.67 -5.55 -4.06
C VAL A 279 15.20 -6.09 -5.40
N SER A 280 14.97 -5.33 -6.47
CA SER A 280 15.33 -5.74 -7.83
C SER A 280 16.83 -5.96 -8.04
N SER A 281 17.65 -5.22 -7.30
CA SER A 281 19.12 -5.28 -7.45
C SER A 281 19.75 -6.61 -7.01
N GLN A 282 18.99 -7.43 -6.29
CA GLN A 282 19.49 -8.70 -5.77
C GLN A 282 19.13 -9.90 -6.66
N TYR A 283 18.25 -9.68 -7.65
CA TYR A 283 17.77 -10.75 -8.53
C TYR A 283 18.91 -11.45 -9.27
N LYS A 284 19.93 -10.68 -9.62
CA LYS A 284 21.15 -11.19 -10.24
C LYS A 284 21.70 -12.40 -9.49
N GLN A 285 21.74 -12.31 -8.16
CA GLN A 285 22.29 -13.37 -7.32
C GLN A 285 21.28 -14.46 -6.99
N VAL A 286 20.01 -14.07 -6.83
CA VAL A 286 18.94 -14.99 -6.48
C VAL A 286 18.70 -16.04 -7.59
N LYS A 287 18.81 -15.61 -8.84
CA LYS A 287 18.59 -16.50 -9.99
C LYS A 287 19.65 -17.61 -10.09
N ASN A 288 20.82 -17.36 -9.52
CA ASN A 288 21.91 -18.35 -9.52
C ASN A 288 21.86 -19.34 -8.37
N LEU A 289 20.85 -19.20 -7.50
CA LEU A 289 20.70 -20.07 -6.34
C LEU A 289 19.90 -21.34 -6.65
N LYS A 290 20.60 -22.47 -6.74
CA LYS A 290 19.97 -23.77 -6.94
C LYS A 290 19.28 -24.20 -5.64
N GLY A 291 18.21 -24.97 -5.77
CA GLY A 291 17.41 -25.39 -4.62
C GLY A 291 16.24 -24.45 -4.37
N TYR A 292 16.15 -23.39 -5.18
CA TYR A 292 15.07 -22.42 -5.09
C TYR A 292 14.49 -22.16 -6.48
N LYS A 293 13.16 -22.11 -6.58
CA LYS A 293 12.51 -21.66 -7.81
C LYS A 293 12.06 -20.22 -7.65
N VAL A 294 12.48 -19.38 -8.59
CA VAL A 294 12.13 -17.96 -8.59
C VAL A 294 10.81 -17.73 -9.33
N LEU A 295 9.75 -17.52 -8.56
CA LEU A 295 8.45 -17.15 -9.12
C LEU A 295 8.40 -15.64 -9.37
N GLY A 296 7.38 -15.19 -10.07
CA GLY A 296 7.22 -13.76 -10.35
C GLY A 296 5.93 -13.38 -11.04
N GLN A 297 5.62 -12.09 -10.95
CA GLN A 297 4.44 -11.50 -11.60
C GLN A 297 4.54 -9.97 -11.58
N GLN A 298 3.60 -9.31 -12.23
CA GLN A 298 3.54 -7.85 -12.23
C GLN A 298 3.14 -7.34 -10.86
N ALA A 299 3.99 -6.47 -10.30
CA ALA A 299 3.76 -5.91 -8.98
C ALA A 299 2.60 -4.92 -8.98
N MET A 300 1.72 -5.06 -7.97
CA MET A 300 0.66 -4.10 -7.73
C MET A 300 1.25 -2.95 -6.92
N TYR A 301 2.09 -2.17 -7.59
CA TYR A 301 3.03 -1.28 -6.94
C TYR A 301 3.39 -0.11 -7.84
N ILE A 302 3.67 1.02 -7.22
CA ILE A 302 4.27 2.16 -7.91
C ILE A 302 5.14 2.96 -6.94
N SER A 303 6.30 3.38 -7.41
CA SER A 303 7.11 4.35 -6.68
C SER A 303 7.00 5.68 -7.41
N LEU A 304 6.85 6.77 -6.66
CA LEU A 304 6.77 8.10 -7.25
C LEU A 304 7.37 9.21 -6.37
N MET A 305 7.67 10.35 -6.99
CA MET A 305 8.30 11.46 -6.29
C MET A 305 7.26 12.49 -5.82
N TYR A 306 7.29 12.80 -4.53
CA TYR A 306 6.32 13.71 -3.90
C TYR A 306 6.90 15.10 -3.67
N TYR A 307 6.05 16.11 -3.80
CA TYR A 307 6.41 17.48 -3.40
C TYR A 307 5.58 17.90 -2.19
N ASN A 308 6.21 18.64 -1.28
CA ASN A 308 5.53 19.16 -0.09
C ASN A 308 4.83 20.47 -0.43
N LEU A 309 3.50 20.42 -0.55
CA LEU A 309 2.72 21.54 -1.07
C LEU A 309 1.78 22.21 -0.07
N GLY A 310 1.69 21.65 1.13
CA GLY A 310 0.83 22.23 2.17
C GLY A 310 0.85 21.50 3.49
N HIS A 311 -0.32 21.44 4.13
CA HIS A 311 -0.47 20.78 5.43
C HIS A 311 -1.84 20.10 5.52
N TYR A 312 -2.01 19.25 6.54
CA TYR A 312 -3.28 18.55 6.75
C TYR A 312 -3.97 19.02 8.02
N ASP A 313 -5.23 19.45 7.87
CA ASP A 313 -6.08 19.83 9.01
C ASP A 313 -6.77 18.57 9.55
N ALA A 314 -6.34 18.15 10.74
CA ALA A 314 -6.82 16.90 11.35
C ALA A 314 -8.24 17.01 11.93
N LYS A 315 -8.53 18.14 12.57
CA LYS A 315 -9.85 18.38 13.16
C LYS A 315 -10.95 18.36 12.10
N ASN A 316 -10.66 18.93 10.94
CA ASN A 316 -11.63 19.07 9.86
C ASN A 316 -11.38 18.14 8.67
N SER A 317 -10.43 17.21 8.84
CA SER A 317 -10.08 16.21 7.82
C SER A 317 -10.01 16.78 6.40
N ILE A 318 -9.05 17.67 6.16
CA ILE A 318 -8.90 18.34 4.87
C ILE A 318 -7.44 18.73 4.59
N ASN A 319 -6.99 18.45 3.38
CA ASN A 319 -5.67 18.87 2.90
C ASN A 319 -5.72 20.31 2.38
N VAL A 320 -4.82 21.15 2.90
CA VAL A 320 -4.76 22.55 2.53
C VAL A 320 -3.44 22.85 1.82
N GLN A 321 -3.51 23.17 0.53
CA GLN A 321 -2.33 23.43 -0.28
C GLN A 321 -1.89 24.89 -0.08
N ASP A 322 -1.25 25.15 1.06
CA ASP A 322 -0.92 26.52 1.45
C ASP A 322 0.54 26.73 1.88
N ARG A 323 1.42 25.79 1.52
CA ARG A 323 2.83 25.90 1.86
C ARG A 323 3.53 26.91 0.96
N LYS A 324 4.24 27.85 1.59
CA LYS A 324 5.02 28.87 0.88
C LYS A 324 6.30 28.24 0.34
N THR A 325 6.29 27.93 -0.95
CA THR A 325 7.40 27.22 -1.60
C THR A 325 7.44 27.45 -3.11
N PRO A 326 8.65 27.53 -3.69
CA PRO A 326 8.82 27.65 -5.15
C PRO A 326 8.18 26.51 -5.93
N LEU A 327 7.86 25.41 -5.23
CA LEU A 327 7.22 24.24 -5.82
C LEU A 327 5.73 24.45 -6.10
N GLN A 328 5.20 25.60 -5.73
CA GLN A 328 3.81 25.94 -6.05
C GLN A 328 3.64 26.33 -7.53
N ASP A 329 4.75 26.62 -8.20
CA ASP A 329 4.74 26.89 -9.64
C ASP A 329 4.80 25.58 -10.40
N GLN A 330 3.97 25.47 -11.45
CA GLN A 330 3.86 24.25 -12.25
C GLN A 330 5.13 23.96 -13.04
N ASN A 331 5.75 25.01 -13.58
CA ASN A 331 6.98 24.89 -14.36
C ASN A 331 8.17 24.39 -13.55
N VAL A 332 8.19 24.70 -12.25
CA VAL A 332 9.23 24.23 -11.33
C VAL A 332 9.06 22.73 -11.05
N ARG A 333 7.81 22.30 -10.87
CA ARG A 333 7.49 20.89 -10.59
C ARG A 333 7.80 19.98 -11.78
N GLN A 334 7.51 20.45 -12.98
CA GLN A 334 7.74 19.69 -14.21
C GLN A 334 9.22 19.52 -14.53
N ALA A 335 9.97 20.61 -14.41
CA ALA A 335 11.40 20.63 -14.71
C ALA A 335 12.19 19.63 -13.86
N ILE A 336 11.94 19.65 -12.54
CA ILE A 336 12.56 18.73 -11.60
C ILE A 336 12.25 17.26 -11.96
N GLY A 337 11.05 17.02 -12.49
CA GLY A 337 10.68 15.70 -12.99
C GLY A 337 11.40 15.35 -14.28
N TYR A 338 11.50 16.33 -15.19
CA TYR A 338 12.19 16.14 -16.48
C TYR A 338 13.71 16.02 -16.34
N ALA A 339 14.24 16.51 -15.22
CA ALA A 339 15.67 16.47 -14.95
C ALA A 339 16.15 15.09 -14.53
N ARG A 340 15.26 14.32 -13.91
CA ARG A 340 15.61 12.98 -13.40
C ARG A 340 16.02 12.02 -14.52
N ASN A 341 16.91 11.09 -14.19
CA ASN A 341 17.36 10.06 -15.13
C ASN A 341 16.94 8.66 -14.67
N VAL A 342 15.63 8.48 -14.53
CA VAL A 342 15.06 7.23 -14.04
C VAL A 342 15.45 6.04 -14.93
N ALA A 343 15.37 6.22 -16.25
CA ALA A 343 15.72 5.20 -17.23
C ALA A 343 17.16 4.71 -17.07
N GLU A 344 18.09 5.65 -16.97
CA GLU A 344 19.52 5.35 -16.79
C GLU A 344 19.75 4.61 -15.47
N VAL A 345 19.08 5.04 -14.42
CA VAL A 345 19.14 4.39 -13.10
C VAL A 345 18.59 2.96 -13.15
N ASP A 346 17.47 2.78 -13.85
CA ASP A 346 16.82 1.47 -14.00
C ASP A 346 17.69 0.46 -14.75
N ASN A 347 18.25 0.88 -15.88
CA ASN A 347 19.10 0.02 -16.71
C ASN A 347 20.42 -0.40 -16.04
N LYS A 348 20.80 0.34 -15.01
CA LYS A 348 22.08 0.12 -14.34
C LYS A 348 21.95 -0.72 -13.06
N PHE A 349 20.86 -0.55 -12.32
CA PHE A 349 20.74 -1.14 -10.97
C PHE A 349 19.62 -2.17 -10.78
N SER A 350 18.65 -2.21 -11.69
CA SER A 350 17.40 -2.95 -11.43
C SER A 350 17.31 -4.34 -12.08
N ASN A 351 18.35 -4.74 -12.81
CA ASN A 351 18.37 -6.04 -13.50
C ASN A 351 17.16 -6.32 -14.40
N GLY A 352 16.69 -5.27 -15.09
CA GLY A 352 15.58 -5.38 -16.03
C GLY A 352 14.21 -5.59 -15.42
N LEU A 353 14.10 -5.34 -14.11
CA LEU A 353 12.83 -5.54 -13.40
C LEU A 353 12.01 -4.26 -13.26
N SER A 354 12.69 -3.11 -13.25
CA SER A 354 12.03 -1.82 -13.14
C SER A 354 11.89 -1.14 -14.50
N THR A 355 10.65 -0.78 -14.84
CA THR A 355 10.35 0.00 -16.02
C THR A 355 9.95 1.41 -15.57
N PRO A 356 10.59 2.45 -16.15
CA PRO A 356 10.21 3.83 -15.85
C PRO A 356 8.74 4.08 -16.18
N ALA A 357 8.03 4.70 -15.25
CA ALA A 357 6.59 4.89 -15.36
C ALA A 357 6.21 6.10 -16.20
N ASN A 358 5.16 5.95 -17.00
CA ASN A 358 4.62 7.04 -17.80
C ASN A 358 3.41 7.72 -17.14
N SER A 359 2.78 7.00 -16.21
CA SER A 359 1.62 7.50 -15.48
C SER A 359 1.50 6.83 -14.09
N LEU A 360 0.38 7.10 -13.41
CA LEU A 360 0.16 6.61 -12.04
C LEU A 360 -0.49 5.23 -11.96
N ILE A 361 -1.14 4.80 -13.04
CA ILE A 361 -1.81 3.49 -13.06
C ILE A 361 -0.86 2.41 -13.61
N PRO A 362 -0.58 1.38 -12.79
CA PRO A 362 0.36 0.32 -13.13
C PRO A 362 -0.15 -0.63 -14.21
N PRO A 363 0.76 -1.31 -14.94
CA PRO A 363 0.43 -2.28 -15.98
C PRO A 363 -0.48 -3.41 -15.51
N ILE A 364 -0.48 -3.69 -14.21
CA ILE A 364 -1.32 -4.74 -13.62
C ILE A 364 -2.81 -4.50 -13.89
N PHE A 365 -3.23 -3.24 -13.82
CA PHE A 365 -4.57 -2.83 -14.22
C PHE A 365 -4.54 -2.43 -15.70
N LYS A 366 -4.26 -3.41 -16.55
CA LYS A 366 -4.00 -3.21 -17.99
C LYS A 366 -5.14 -2.51 -18.72
N GLN A 367 -6.36 -2.74 -18.27
CA GLN A 367 -7.56 -2.15 -18.86
C GLN A 367 -7.54 -0.61 -18.85
N PHE A 368 -6.97 -0.03 -17.79
CA PHE A 368 -6.97 1.42 -17.61
C PHE A 368 -5.61 2.09 -17.84
N THR A 369 -4.75 1.41 -18.59
CA THR A 369 -3.45 1.97 -19.01
C THR A 369 -3.48 2.35 -20.48
N SER A 370 -2.75 3.41 -20.84
CA SER A 370 -2.70 3.89 -22.21
C SER A 370 -1.27 4.31 -22.61
N SER A 371 -0.81 3.81 -23.76
CA SER A 371 0.50 4.17 -24.29
C SER A 371 0.53 5.61 -24.80
N SER A 372 -0.66 6.16 -25.03
CA SER A 372 -0.83 7.55 -25.44
C SER A 372 -0.32 8.54 -24.38
N VAL A 373 -0.43 8.17 -23.12
CA VAL A 373 -0.03 9.04 -22.01
C VAL A 373 1.49 9.14 -21.92
N LYS A 374 2.00 10.31 -22.33
CA LYS A 374 3.42 10.61 -22.19
C LYS A 374 3.65 11.30 -20.86
N GLY A 375 4.67 10.85 -20.13
CA GLY A 375 4.97 11.38 -18.81
C GLY A 375 6.40 11.86 -18.66
N TYR A 376 7.08 11.33 -17.65
CA TYR A 376 8.45 11.72 -17.34
C TYR A 376 9.40 10.54 -17.43
N GLU A 377 9.05 9.56 -18.27
CA GLU A 377 9.84 8.34 -18.44
C GLU A 377 11.15 8.57 -19.19
N LYS A 378 11.22 9.67 -19.92
CA LYS A 378 12.41 10.02 -20.70
C LYS A 378 12.98 11.36 -20.23
N GLN A 379 14.27 11.37 -19.92
CA GLN A 379 14.94 12.58 -19.43
C GLN A 379 15.04 13.66 -20.51
N ASP A 380 14.71 14.89 -20.13
CA ASP A 380 14.84 16.04 -21.02
C ASP A 380 15.39 17.25 -20.28
N LEU A 381 16.71 17.39 -20.28
CA LEU A 381 17.38 18.48 -19.59
C LEU A 381 17.13 19.85 -20.23
N ASP A 382 17.02 19.85 -21.56
CA ASP A 382 16.78 21.07 -22.34
C ASP A 382 15.41 21.69 -22.04
N LYS A 383 14.37 20.85 -22.03
CA LYS A 383 13.01 21.27 -21.71
C LYS A 383 12.90 21.73 -20.26
N ALA A 384 13.61 21.04 -19.37
CA ALA A 384 13.64 21.38 -17.95
C ALA A 384 14.19 22.79 -17.74
N ASN A 385 15.32 23.08 -18.37
CA ASN A 385 15.93 24.41 -18.32
C ASN A 385 15.02 25.48 -18.90
N LYS A 386 14.41 25.19 -20.06
CA LYS A 386 13.50 26.10 -20.72
C LYS A 386 12.28 26.43 -19.87
N LEU A 387 11.66 25.40 -19.29
CA LEU A 387 10.51 25.57 -18.40
C LEU A 387 10.82 26.47 -17.22
N LEU A 388 12.02 26.30 -16.66
CA LEU A 388 12.50 27.15 -15.57
C LEU A 388 12.84 28.56 -16.05
N ASP A 389 13.36 28.66 -17.27
CA ASP A 389 13.68 29.95 -17.87
C ASP A 389 12.43 30.80 -18.05
N GLU A 390 11.48 30.29 -18.83
CA GLU A 390 10.25 31.03 -19.13
C GLU A 390 9.29 31.18 -17.94
N ASP A 391 9.75 30.80 -16.75
CA ASP A 391 8.96 30.93 -15.52
C ASP A 391 9.45 32.06 -14.62
N GLY A 392 10.73 32.42 -14.75
CA GLY A 392 11.29 33.54 -13.99
C GLY A 392 12.53 33.22 -13.18
N TRP A 393 12.98 31.97 -13.25
CA TRP A 393 14.19 31.54 -12.53
C TRP A 393 15.42 31.62 -13.43
N LYS A 394 16.20 32.68 -13.24
CA LYS A 394 17.40 32.90 -14.05
C LYS A 394 18.66 32.34 -13.38
N LEU A 395 19.45 31.61 -14.17
CA LEU A 395 20.68 30.99 -13.67
C LEU A 395 21.72 32.04 -13.29
N ASN A 396 22.31 31.87 -12.11
CA ASN A 396 23.39 32.74 -11.65
C ASN A 396 24.72 32.19 -12.13
N LYS A 397 25.46 33.03 -12.85
CA LYS A 397 26.76 32.64 -13.42
C LYS A 397 27.79 32.25 -12.37
N SER A 398 27.73 32.92 -11.21
CA SER A 398 28.68 32.70 -10.12
C SER A 398 28.40 31.38 -9.38
N THR A 399 27.22 31.29 -8.77
CA THR A 399 26.85 30.14 -7.92
C THR A 399 26.53 28.89 -8.72
N GLY A 400 25.97 29.06 -9.92
CA GLY A 400 25.56 27.94 -10.76
C GLY A 400 24.15 27.45 -10.44
N TYR A 401 23.39 28.28 -9.72
CA TYR A 401 22.01 27.96 -9.34
C TYR A 401 21.07 29.09 -9.67
N ARG A 402 19.83 28.74 -10.04
CA ARG A 402 18.83 29.72 -10.44
C ARG A 402 18.30 30.53 -9.26
N GLU A 403 17.95 31.78 -9.53
CA GLU A 403 17.48 32.71 -8.49
C GLU A 403 16.26 33.53 -8.94
N LYS A 404 15.46 33.95 -7.97
CA LYS A 404 14.30 34.80 -8.20
C LYS A 404 14.11 35.67 -6.95
N ASP A 405 13.99 36.98 -7.15
CA ASP A 405 13.91 37.96 -6.05
C ASP A 405 15.12 37.93 -5.10
N GLY A 406 16.22 37.37 -5.58
CA GLY A 406 17.42 37.18 -4.75
C GLY A 406 17.38 35.90 -3.94
N LYS A 407 16.23 35.24 -3.96
CA LYS A 407 16.04 33.95 -3.30
C LYS A 407 16.59 32.84 -4.18
N GLU A 408 17.55 32.07 -3.65
CA GLU A 408 18.15 30.96 -4.38
C GLU A 408 17.20 29.74 -4.37
N LEU A 409 17.17 29.03 -5.50
CA LEU A 409 16.33 27.84 -5.62
C LEU A 409 16.95 26.64 -4.90
N SER A 410 16.78 26.62 -3.57
CA SER A 410 17.34 25.58 -2.72
C SER A 410 16.22 24.73 -2.10
N LEU A 411 16.29 23.42 -2.32
CA LEU A 411 15.27 22.50 -1.82
C LEU A 411 15.86 21.36 -0.99
N VAL A 412 15.03 20.77 -0.12
CA VAL A 412 15.45 19.66 0.73
C VAL A 412 14.85 18.34 0.24
N TYR A 413 15.71 17.35 0.03
CA TYR A 413 15.30 16.04 -0.47
C TYR A 413 15.39 14.97 0.63
N ALA A 414 14.22 14.53 1.07
CA ALA A 414 14.12 13.47 2.08
C ALA A 414 14.19 12.10 1.42
N ALA A 415 15.40 11.68 1.08
CA ALA A 415 15.63 10.38 0.46
C ALA A 415 15.57 9.27 1.51
N ARG A 416 15.32 8.04 1.04
CA ARG A 416 15.03 6.92 1.93
C ARG A 416 16.04 5.79 1.81
N VAL A 417 16.21 5.06 2.91
CA VAL A 417 17.00 3.83 2.97
C VAL A 417 16.36 2.78 2.06
N GLY A 418 17.20 2.01 1.37
CA GLY A 418 16.75 0.92 0.51
C GLY A 418 17.82 -0.15 0.39
N ASP A 419 18.11 -0.55 -0.84
CA ASP A 419 19.20 -1.51 -1.10
C ASP A 419 20.58 -0.83 -0.98
N ALA A 420 21.60 -1.49 -1.49
CA ALA A 420 22.97 -0.96 -1.47
C ALA A 420 23.16 0.19 -2.45
N ASN A 421 22.22 0.35 -3.38
CA ASN A 421 22.27 1.42 -4.38
C ASN A 421 21.41 2.63 -4.02
N ALA A 422 20.76 2.58 -2.87
CA ALA A 422 19.87 3.64 -2.41
C ALA A 422 20.55 5.00 -2.27
N GLU A 423 21.74 5.01 -1.68
CA GLU A 423 22.49 6.24 -1.48
C GLU A 423 23.05 6.79 -2.80
N THR A 424 23.39 5.88 -3.71
CA THR A 424 23.89 6.22 -5.04
C THR A 424 22.80 6.89 -5.88
N ILE A 425 21.64 6.23 -5.98
CA ILE A 425 20.50 6.70 -6.76
C ILE A 425 20.01 8.07 -6.29
N ALA A 426 19.96 8.27 -4.96
CA ALA A 426 19.56 9.55 -4.38
C ALA A 426 20.48 10.68 -4.84
N GLN A 427 21.79 10.44 -4.78
CA GLN A 427 22.78 11.41 -5.22
C GLN A 427 22.76 11.60 -6.73
N ASN A 428 22.43 10.51 -7.44
CA ASN A 428 22.29 10.53 -8.89
C ASN A 428 21.30 11.61 -9.35
N TYR A 429 20.14 11.68 -8.69
CA TYR A 429 19.13 12.70 -9.00
C TYR A 429 19.56 14.10 -8.58
N ILE A 430 20.29 14.18 -7.47
CA ILE A 430 20.80 15.47 -6.96
C ILE A 430 21.71 16.14 -7.99
N GLN A 431 22.56 15.34 -8.64
CA GLN A 431 23.46 15.83 -9.67
C GLN A 431 22.73 16.25 -10.95
N GLN A 432 21.58 15.62 -11.20
CA GLN A 432 20.76 15.96 -12.36
C GLN A 432 20.04 17.28 -12.14
N TRP A 433 19.61 17.52 -10.90
CA TRP A 433 18.99 18.79 -10.52
C TRP A 433 20.04 19.89 -10.43
N LYS A 434 21.29 19.48 -10.19
CA LYS A 434 22.43 20.38 -10.24
C LYS A 434 22.65 20.92 -11.67
N LYS A 435 22.51 20.04 -12.65
CA LYS A 435 22.67 20.40 -14.06
C LYS A 435 21.69 21.46 -14.54
N ILE A 436 20.47 21.44 -14.00
CA ILE A 436 19.43 22.41 -14.39
C ILE A 436 19.44 23.67 -13.49
N GLY A 437 20.31 23.67 -12.48
CA GLY A 437 20.48 24.82 -11.60
C GLY A 437 19.59 24.83 -10.36
N VAL A 438 19.27 23.64 -9.85
CA VAL A 438 18.48 23.50 -8.63
C VAL A 438 19.32 22.86 -7.53
N LYS A 439 19.53 23.61 -6.45
CA LYS A 439 20.34 23.16 -5.32
C LYS A 439 19.53 22.23 -4.40
N VAL A 440 19.91 20.96 -4.35
CA VAL A 440 19.18 19.95 -3.58
C VAL A 440 20.11 19.21 -2.61
N SER A 441 19.74 19.23 -1.33
CA SER A 441 20.51 18.56 -0.28
C SER A 441 19.67 17.50 0.45
N LEU A 442 20.35 16.49 0.99
CA LEU A 442 19.68 15.40 1.73
C LEU A 442 19.16 15.85 3.09
N TYR A 443 18.04 15.26 3.50
CA TYR A 443 17.41 15.55 4.79
C TYR A 443 18.30 15.13 5.94
N ASN A 444 18.75 16.12 6.72
CA ASN A 444 19.69 15.93 7.85
C ASN A 444 21.01 15.26 7.45
N GLY A 445 21.34 15.31 6.17
CA GLY A 445 22.60 14.79 5.64
C GLY A 445 22.70 13.28 5.52
N LYS A 446 21.58 12.58 5.75
CA LYS A 446 21.54 11.12 5.69
C LYS A 446 20.18 10.57 5.31
N LEU A 447 20.17 9.37 4.74
CA LEU A 447 18.94 8.69 4.30
C LEU A 447 18.01 8.35 5.46
N MET A 448 16.70 8.42 5.19
CA MET A 448 15.68 8.28 6.22
C MET A 448 15.22 6.84 6.40
N GLU A 449 15.17 6.40 7.66
CA GLU A 449 14.70 5.08 8.03
C GLU A 449 13.18 4.97 7.81
N PHE A 450 12.72 3.79 7.39
CA PHE A 450 11.34 3.58 6.95
C PHE A 450 10.27 3.89 8.00
N ASN A 451 10.44 3.37 9.22
CA ASN A 451 9.47 3.56 10.29
C ASN A 451 9.30 5.02 10.71
N SER A 452 10.41 5.73 10.86
CA SER A 452 10.38 7.14 11.24
C SER A 452 9.96 8.04 10.07
N TRP A 453 10.17 7.55 8.84
CA TRP A 453 9.72 8.25 7.63
C TRP A 453 8.19 8.27 7.55
N VAL A 454 7.57 7.11 7.74
CA VAL A 454 6.10 6.98 7.71
C VAL A 454 5.44 7.91 8.73
N ASP A 455 6.00 7.92 9.95
CA ASP A 455 5.51 8.78 11.03
C ASP A 455 5.65 10.26 10.70
N HIS A 456 6.69 10.60 9.94
CA HIS A 456 6.97 11.98 9.56
C HIS A 456 6.06 12.48 8.43
N MET A 457 5.50 11.55 7.66
CA MET A 457 4.67 11.90 6.50
C MET A 457 3.17 11.92 6.79
N THR A 458 2.76 10.96 7.63
CA THR A 458 1.38 10.72 8.02
C THR A 458 0.88 11.52 9.21
N THR A 459 1.78 12.00 10.06
CA THR A 459 1.38 12.71 11.27
C THR A 459 1.19 14.20 11.06
N PRO A 460 0.01 14.70 11.44
CA PRO A 460 -0.46 16.03 11.08
C PRO A 460 0.17 17.09 11.90
N PRO A 461 0.45 18.25 11.32
CA PRO A 461 -0.08 18.65 10.02
C PRO A 461 0.61 18.16 8.73
N GLY A 462 1.90 17.89 8.69
CA GLY A 462 2.81 18.16 9.76
C GLY A 462 4.02 18.91 9.27
N ALA A 463 5.00 18.16 8.81
CA ALA A 463 6.38 18.58 8.57
C ALA A 463 6.52 19.68 7.52
N ASN A 464 7.42 20.63 7.82
CA ASN A 464 7.75 21.72 6.91
C ASN A 464 9.22 21.70 6.53
N ASP A 465 9.95 20.69 7.03
CA ASP A 465 11.39 20.58 6.84
C ASP A 465 11.83 19.72 5.65
N TRP A 466 10.91 19.46 4.73
CA TRP A 466 11.23 18.73 3.50
C TRP A 466 10.50 19.31 2.29
N ASP A 467 11.07 19.09 1.10
CA ASP A 467 10.49 19.58 -0.15
C ASP A 467 10.20 18.45 -1.12
N ILE A 468 11.16 17.53 -1.26
CA ILE A 468 11.04 16.38 -2.16
C ILE A 468 11.24 15.10 -1.37
N THR A 469 10.35 14.13 -1.56
CA THR A 469 10.53 12.79 -1.01
C THR A 469 10.08 11.72 -2.02
N ASP A 470 10.34 10.45 -1.70
CA ASP A 470 9.93 9.35 -2.55
C ASP A 470 8.91 8.45 -1.86
N GLY A 471 7.75 8.29 -2.49
CA GLY A 471 6.71 7.42 -1.96
C GLY A 471 6.67 6.11 -2.72
N SER A 472 6.63 5.01 -1.98
CA SER A 472 6.46 3.68 -2.56
C SER A 472 5.20 3.04 -1.99
N TRP A 473 4.36 2.51 -2.88
CA TRP A 473 3.05 2.00 -2.47
C TRP A 473 2.83 0.52 -2.79
N SER A 474 2.28 -0.21 -1.83
CA SER A 474 1.54 -1.43 -2.12
C SER A 474 0.11 -0.98 -2.37
N LEU A 475 -0.21 -0.70 -3.64
CA LEU A 475 -1.48 -0.09 -4.02
C LEU A 475 -2.69 -0.94 -3.69
N ALA A 476 -3.85 -0.28 -3.57
CA ALA A 476 -5.13 -0.96 -3.40
C ALA A 476 -5.39 -1.88 -4.59
N SER A 477 -6.08 -2.99 -4.32
CA SER A 477 -6.39 -3.99 -5.35
C SER A 477 -7.43 -3.51 -6.38
N GLU A 478 -7.86 -2.27 -6.23
CA GLU A 478 -8.78 -1.62 -7.17
C GLU A 478 -8.11 -0.35 -7.73
N PRO A 479 -8.14 -0.19 -9.08
CA PRO A 479 -7.43 0.89 -9.79
C PRO A 479 -7.64 2.33 -9.30
N SER A 480 -8.79 2.61 -8.69
CA SER A 480 -9.10 3.96 -8.18
C SER A 480 -8.10 4.41 -7.11
N GLN A 481 -7.74 5.70 -7.16
CA GLN A 481 -6.72 6.24 -6.28
C GLN A 481 -7.24 7.36 -5.35
N GLN A 482 -8.51 7.22 -4.95
CA GLN A 482 -9.12 8.15 -4.00
C GLN A 482 -8.43 8.09 -2.63
N ASP A 483 -8.07 6.87 -2.20
CA ASP A 483 -7.44 6.66 -0.90
C ASP A 483 -5.97 7.11 -0.86
N LEU A 484 -5.48 7.64 -1.98
CA LEU A 484 -4.12 8.16 -2.06
C LEU A 484 -4.08 9.68 -2.21
N PHE A 485 -5.07 10.24 -2.90
CA PHE A 485 -5.00 11.64 -3.34
C PHE A 485 -6.21 12.52 -3.00
N SER A 486 -7.28 11.95 -2.48
CA SER A 486 -8.48 12.72 -2.16
C SER A 486 -8.25 13.67 -0.99
N ALA A 487 -8.98 14.80 -1.01
CA ALA A 487 -8.75 15.93 -0.10
C ALA A 487 -8.82 15.63 1.41
N ALA A 488 -9.65 14.66 1.79
CA ALA A 488 -9.84 14.32 3.21
C ALA A 488 -8.79 13.35 3.76
N ALA A 489 -8.07 12.67 2.86
CA ALA A 489 -7.15 11.59 3.25
C ALA A 489 -5.77 12.08 3.69
N PRO A 490 -5.32 11.66 4.89
CA PRO A 490 -3.96 11.91 5.37
C PRO A 490 -2.88 11.24 4.51
N TYR A 491 -3.24 10.16 3.81
CA TYR A 491 -2.33 9.45 2.92
C TYR A 491 -1.80 10.32 1.77
N ASN A 492 -2.54 11.39 1.46
CA ASN A 492 -2.07 12.45 0.57
C ASN A 492 -1.10 13.34 1.35
N PHE A 493 0.13 12.83 1.55
CA PHE A 493 1.09 13.48 2.44
C PHE A 493 1.90 14.63 1.84
N GLY A 494 1.64 14.94 0.58
CA GLY A 494 2.15 16.17 -0.04
C GLY A 494 1.18 17.31 0.22
N HIS A 495 -0.07 16.95 0.49
CA HIS A 495 -1.15 17.88 0.86
C HIS A 495 -1.59 18.84 -0.24
N PHE A 496 -1.79 18.31 -1.45
CA PHE A 496 -2.34 19.13 -2.54
C PHE A 496 -3.87 19.09 -2.57
N ASN A 497 -4.47 20.12 -3.17
CA ASN A 497 -5.91 20.26 -3.27
C ASN A 497 -6.26 21.02 -4.55
N ASP A 498 -6.76 20.28 -5.55
CA ASP A 498 -7.02 20.83 -6.87
C ASP A 498 -8.43 20.48 -7.33
N SER A 499 -9.18 21.51 -7.74
CA SER A 499 -10.57 21.35 -8.21
C SER A 499 -10.69 20.38 -9.38
N GLU A 500 -9.80 20.53 -10.36
CA GLU A 500 -9.77 19.68 -11.56
C GLU A 500 -9.41 18.23 -11.21
N ILE A 501 -8.38 18.05 -10.38
CA ILE A 501 -7.93 16.72 -9.96
C ILE A 501 -9.00 15.98 -9.14
N THR A 502 -9.67 16.71 -8.25
CA THR A 502 -10.79 16.19 -7.48
C THR A 502 -11.92 15.71 -8.41
N LYS A 503 -12.28 16.55 -9.39
CA LYS A 503 -13.30 16.21 -10.39
C LYS A 503 -12.93 14.95 -11.19
N ASP A 504 -11.66 14.84 -11.55
CA ASP A 504 -11.15 13.67 -12.27
C ASP A 504 -11.29 12.41 -11.44
N LEU A 505 -10.92 12.49 -10.16
CA LEU A 505 -11.04 11.38 -9.23
C LEU A 505 -12.49 10.96 -9.03
N ASN A 506 -13.36 11.96 -8.84
CA ASN A 506 -14.79 11.72 -8.69
C ASN A 506 -15.43 11.13 -9.95
N ASP A 507 -15.02 11.64 -11.11
CA ASP A 507 -15.55 11.18 -12.40
C ASP A 507 -15.17 9.73 -12.71
N ILE A 508 -14.01 9.31 -12.18
CA ILE A 508 -13.53 7.93 -12.29
C ILE A 508 -14.47 6.96 -11.55
N ASP A 509 -15.06 7.44 -10.46
CA ASP A 509 -15.96 6.61 -9.65
C ASP A 509 -17.41 7.09 -9.66
N SER A 510 -17.76 7.89 -10.67
CA SER A 510 -19.11 8.43 -10.82
C SER A 510 -20.11 7.35 -11.28
N ALA A 511 -21.38 7.74 -11.38
CA ALA A 511 -22.43 6.85 -11.87
C ALA A 511 -22.24 6.51 -13.34
N LYS A 512 -21.67 7.44 -14.10
CA LYS A 512 -21.43 7.25 -15.53
C LYS A 512 -20.29 6.25 -15.79
N SER A 513 -19.38 6.14 -14.83
CA SER A 513 -18.24 5.23 -14.94
C SER A 513 -18.57 3.74 -14.68
N GLU A 514 -19.84 3.45 -14.47
CA GLU A 514 -20.33 2.05 -14.49
C GLU A 514 -20.17 1.51 -15.91
N ASN A 515 -20.32 2.42 -16.87
CA ASN A 515 -19.97 2.18 -18.26
C ASN A 515 -18.44 2.20 -18.39
N PRO A 516 -17.83 1.04 -18.73
CA PRO A 516 -16.37 0.88 -18.75
C PRO A 516 -15.66 1.70 -19.84
N THR A 517 -16.37 2.00 -20.92
CA THR A 517 -15.85 2.85 -22.00
C THR A 517 -15.69 4.29 -21.51
N TYR A 518 -16.64 4.73 -20.69
CA TYR A 518 -16.60 6.05 -20.07
C TYR A 518 -15.51 6.14 -19.00
N ARG A 519 -15.38 5.09 -18.19
CA ARG A 519 -14.39 5.04 -17.11
C ARG A 519 -12.96 4.99 -17.65
N LYS A 520 -12.80 4.34 -18.81
CA LYS A 520 -11.52 4.31 -19.51
C LYS A 520 -11.04 5.72 -19.86
N ALA A 521 -11.95 6.54 -20.37
CA ALA A 521 -11.65 7.92 -20.75
C ALA A 521 -11.41 8.84 -19.54
N ALA A 522 -12.07 8.50 -18.43
CA ALA A 522 -11.89 9.25 -17.17
C ALA A 522 -10.52 9.01 -16.56
N PHE A 523 -10.02 7.78 -16.66
CA PHE A 523 -8.67 7.43 -16.22
C PHE A 523 -7.58 8.10 -17.06
N VAL A 524 -7.81 8.16 -18.38
CA VAL A 524 -6.86 8.78 -19.31
C VAL A 524 -6.70 10.28 -19.06
N LYS A 525 -7.81 10.98 -18.82
CA LYS A 525 -7.78 12.41 -18.48
C LYS A 525 -7.07 12.63 -17.14
N TYR A 526 -7.39 11.80 -16.16
CA TYR A 526 -6.77 11.85 -14.83
C TYR A 526 -5.24 11.72 -14.89
N GLN A 527 -4.76 10.73 -15.65
CA GLN A 527 -3.33 10.49 -15.80
C GLN A 527 -2.62 11.61 -16.53
N GLU A 528 -3.29 12.20 -17.52
CA GLU A 528 -2.74 13.32 -18.28
C GLU A 528 -2.73 14.60 -17.45
N ASP A 529 -3.75 14.76 -16.60
CA ASP A 529 -3.84 15.93 -15.72
C ASP A 529 -2.85 15.87 -14.56
N MET A 530 -2.65 14.67 -14.00
CA MET A 530 -1.68 14.48 -12.91
C MET A 530 -0.23 14.69 -13.37
N ASN A 531 0.06 14.27 -14.59
CA ASN A 531 1.36 14.52 -15.22
C ASN A 531 1.60 15.99 -15.54
N LYS A 532 0.52 16.68 -15.93
CA LYS A 532 0.59 18.09 -16.30
C LYS A 532 0.73 19.00 -15.07
N LYS A 533 -0.13 18.78 -14.06
CA LYS A 533 -0.09 19.54 -12.81
C LYS A 533 1.18 19.24 -12.02
N ALA A 534 1.67 18.01 -12.17
CA ALA A 534 2.95 17.57 -11.62
C ALA A 534 3.09 17.69 -10.09
N TYR A 535 1.99 17.48 -9.37
CA TYR A 535 2.02 17.43 -7.91
C TYR A 535 2.82 16.23 -7.43
N VAL A 536 2.68 15.12 -8.17
CA VAL A 536 3.52 13.94 -7.99
C VAL A 536 4.12 13.53 -9.34
N ILE A 537 5.28 12.88 -9.31
CA ILE A 537 5.95 12.44 -10.53
C ILE A 537 6.18 10.92 -10.51
N PRO A 538 5.48 10.17 -11.38
CA PRO A 538 5.62 8.72 -11.47
C PRO A 538 7.05 8.28 -11.78
N THR A 539 7.60 7.41 -10.93
CA THR A 539 8.97 6.94 -11.09
C THR A 539 9.00 5.57 -11.75
N ASN A 540 8.64 4.54 -11.00
CA ASN A 540 8.80 3.16 -11.46
C ASN A 540 7.57 2.28 -11.37
N PHE A 541 7.41 1.43 -12.37
CA PHE A 541 6.62 0.23 -12.26
C PHE A 541 7.62 -0.90 -12.01
N MET A 542 7.22 -1.89 -11.21
CA MET A 542 8.12 -2.98 -10.87
C MET A 542 7.54 -4.35 -11.23
N LEU A 543 8.45 -5.30 -11.41
CA LEU A 543 8.09 -6.71 -11.55
C LEU A 543 8.62 -7.43 -10.31
N ASN A 544 7.71 -8.05 -9.57
CA ASN A 544 8.08 -8.74 -8.33
C ASN A 544 8.52 -10.18 -8.54
N TYR A 545 9.55 -10.59 -7.81
CA TYR A 545 10.04 -11.97 -7.84
C TYR A 545 10.11 -12.55 -6.43
N THR A 546 9.91 -13.86 -6.32
CA THR A 546 9.92 -14.53 -5.03
C THR A 546 10.70 -15.86 -5.09
N PRO A 547 11.80 -15.94 -4.31
CA PRO A 547 12.53 -17.21 -4.19
C PRO A 547 11.80 -18.18 -3.27
N VAL A 548 11.46 -19.34 -3.81
CA VAL A 548 10.75 -20.37 -3.04
C VAL A 548 11.58 -21.65 -3.02
N ASN A 549 11.86 -22.14 -1.81
CA ASN A 549 12.60 -23.38 -1.61
C ASN A 549 11.86 -24.56 -2.23
N LYS A 550 12.62 -25.48 -2.82
CA LYS A 550 12.05 -26.61 -3.58
C LYS A 550 11.30 -27.64 -2.74
N ARG A 551 11.39 -27.53 -1.42
CA ARG A 551 10.65 -28.44 -0.53
C ARG A 551 9.19 -28.01 -0.34
N VAL A 552 8.88 -26.76 -0.69
CA VAL A 552 7.55 -26.18 -0.48
C VAL A 552 6.54 -26.68 -1.52
N VAL A 553 5.40 -27.16 -1.03
CA VAL A 553 4.34 -27.70 -1.89
C VAL A 553 3.12 -26.78 -1.83
N GLY A 554 2.48 -26.59 -2.99
CA GLY A 554 1.24 -25.81 -3.07
C GLY A 554 1.42 -24.31 -2.94
N MET A 555 2.61 -23.83 -3.28
CA MET A 555 2.94 -22.40 -3.26
C MET A 555 2.60 -21.75 -4.59
N THR A 556 1.92 -20.59 -4.53
CA THR A 556 1.54 -19.85 -5.72
C THR A 556 1.45 -18.33 -5.47
N LEU A 557 1.71 -17.54 -6.51
CA LEU A 557 1.57 -16.09 -6.43
C LEU A 557 0.27 -15.61 -7.08
N ASP A 558 -0.62 -16.55 -7.39
CA ASP A 558 -1.90 -16.24 -8.03
C ASP A 558 -2.83 -15.53 -7.05
N TYR A 559 -3.36 -14.39 -7.47
CA TYR A 559 -4.25 -13.58 -6.66
C TYR A 559 -5.61 -14.23 -6.42
N GLY A 560 -5.93 -15.25 -7.21
CA GLY A 560 -7.18 -15.98 -7.09
C GLY A 560 -7.16 -17.11 -6.06
N ALA A 561 -5.95 -17.52 -5.65
CA ALA A 561 -5.80 -18.60 -4.68
C ALA A 561 -6.14 -18.13 -3.26
N MET A 562 -7.19 -18.70 -2.71
CA MET A 562 -7.76 -18.25 -1.44
C MET A 562 -7.32 -19.10 -0.23
N ASN A 563 -7.26 -20.41 -0.44
CA ASN A 563 -6.89 -21.34 0.64
C ASN A 563 -5.39 -21.63 0.69
N THR A 564 -4.60 -20.65 0.24
CA THR A 564 -3.15 -20.79 0.08
C THR A 564 -2.45 -21.24 1.36
N TRP A 565 -2.76 -20.59 2.48
CA TRP A 565 -2.10 -20.90 3.75
C TRP A 565 -2.53 -22.24 4.36
N SER A 566 -3.72 -22.70 3.98
CA SER A 566 -4.27 -23.97 4.46
C SER A 566 -3.73 -25.14 3.63
N GLU A 567 -3.55 -24.91 2.33
CA GLU A 567 -3.14 -25.95 1.39
C GLU A 567 -1.61 -26.07 1.23
N ILE A 568 -0.88 -25.06 1.69
CA ILE A 568 0.58 -25.03 1.60
C ILE A 568 1.23 -26.02 2.57
N GLY A 569 2.30 -26.67 2.11
CA GLY A 569 3.03 -27.65 2.91
C GLY A 569 4.48 -27.83 2.48
N VAL A 570 5.16 -28.77 3.11
CA VAL A 570 6.56 -29.10 2.76
C VAL A 570 6.72 -30.58 2.43
N SER A 571 7.77 -30.91 1.68
CA SER A 571 8.03 -32.29 1.29
C SER A 571 9.07 -32.98 2.20
N SER A 572 9.94 -32.17 2.82
CA SER A 572 10.97 -32.68 3.74
C SER A 572 11.29 -31.69 4.86
N ALA A 573 12.17 -32.10 5.77
CA ALA A 573 12.61 -31.27 6.89
C ALA A 573 13.92 -30.53 6.57
N LYS A 574 14.60 -30.05 7.62
CA LYS A 574 15.92 -29.41 7.47
C LYS A 574 17.02 -30.47 7.39
N ARG B 1 -5.38 -5.82 -0.17
CA ARG B 1 -6.64 -5.03 -0.35
C ARG B 1 -6.38 -3.51 -0.28
N PRO B 2 -6.07 -2.96 0.92
CA PRO B 2 -5.98 -1.51 1.00
C PRO B 2 -4.58 -0.99 0.64
N PRO B 3 -4.45 0.32 0.32
CA PRO B 3 -3.12 0.87 0.08
C PRO B 3 -2.24 0.78 1.34
N GLY B 4 -0.95 0.55 1.14
CA GLY B 4 0.00 0.45 2.24
C GLY B 4 1.37 0.98 1.88
N PHE B 5 2.03 1.61 2.86
CA PHE B 5 3.41 2.08 2.69
C PHE B 5 4.37 0.90 2.62
N SER B 6 5.17 0.86 1.57
CA SER B 6 6.16 -0.19 1.39
C SER B 6 7.57 0.37 1.55
N PRO B 7 8.54 -0.47 1.97
CA PRO B 7 9.95 -0.06 2.16
C PRO B 7 10.61 0.59 0.95
N PHE B 8 10.38 0.06 -0.25
CA PHE B 8 10.91 0.60 -1.53
C PHE B 8 11.28 -0.52 -2.51
N ALA B 9 10.43 -1.55 -2.57
CA ALA B 9 10.64 -2.72 -3.43
C ALA B 9 9.31 -3.40 -3.79
CL CL C . -23.45 12.41 6.78
#